data_4N49
#
_entry.id   4N49
#
_cell.length_a   50.834
_cell.length_b   87.619
_cell.length_c   57.310
_cell.angle_alpha   90.00
_cell.angle_beta   112.89
_cell.angle_gamma   90.00
#
_symmetry.space_group_name_H-M   'P 1 21 1'
#
loop_
_entity.id
_entity.type
_entity.pdbx_description
1 polymer "Cap-specific mRNA (nucleoside-2'-O-)-methyltransferase 1"
2 non-polymer S-ADENOSYLMETHIONINE
3 non-polymer "7N-METHYL-8-HYDROGUANOSINE-5'-TRIPHOSPHATE"
4 non-polymer 'SODIUM ION'
5 water water
#
_entity_poly.entity_id   1
_entity_poly.type   'polypeptide(L)'
_entity_poly.pdbx_seq_one_letter_code
;GAMRGLGLTLRGFDQELNVDWRDEPEPSACEQVSWFPECTTEIPDTQEMSDWMVVGKRKMIIEDETEFCGEELLHSVLQC
KSVFDVLDGEEMRRARTRANPYEMIRGVFFLNRAAMKMANMDFVFDRMFTNPRDSYGKPLVKDREAELLYFADVCAGPGG
FSEYVLWRKKWHAKGFGMTLKGPNDFKLEDFYSASSELFEPYYGEGGIDGDGDITRPENISAFRNFVLDNTDRKGVHFLM
ADGGFSVEGQENLQEILSKQLLLCQFLMALSIVRTGGHFICKTFDLFTPFSVGLVYLLYCCFERVCLFKPITSRPANSER
YVVCKGLKVGIDDVRDYLFAVNIKLNQLRNTDSDVNLVVPLEVIKGDHEFTDYMIRSNESHCSLQIKALAKIHAFVQDTT
LSEPRQAEIRKECLRLWGIPDQARVAPS
;
_entity_poly.pdbx_strand_id   A
#
# COMPACT_ATOMS: atom_id res chain seq x y z
N VAL A 19 1.89 28.89 0.20
CA VAL A 19 0.94 27.83 -0.14
C VAL A 19 -0.45 28.07 0.45
N ASP A 20 -1.48 28.08 -0.40
CA ASP A 20 -2.84 28.30 0.10
C ASP A 20 -3.75 27.09 0.04
N TRP A 21 -3.99 26.54 1.22
CA TRP A 21 -4.82 25.35 1.44
C TRP A 21 -6.26 25.77 1.67
N ARG A 22 -6.48 27.08 1.78
CA ARG A 22 -7.76 27.57 2.27
C ARG A 22 -8.91 27.56 1.28
N ASP A 23 -8.65 27.35 0.00
CA ASP A 23 -9.77 27.30 -0.94
C ASP A 23 -9.98 25.91 -1.52
N GLU A 24 -9.44 24.92 -0.82
CA GLU A 24 -9.64 23.51 -1.12
C GLU A 24 -11.13 23.14 -1.11
N PRO A 25 -11.53 22.10 -1.84
CA PRO A 25 -12.96 21.73 -1.79
C PRO A 25 -13.37 21.20 -0.42
N GLU A 26 -14.66 21.26 -0.13
CA GLU A 26 -15.20 20.73 1.12
C GLU A 26 -14.89 19.24 1.21
N PRO A 27 -14.62 18.75 2.42
CA PRO A 27 -14.42 17.30 2.59
C PRO A 27 -15.73 16.55 2.39
N SER A 28 -15.61 15.29 2.02
CA SER A 28 -16.76 14.49 1.64
C SER A 28 -16.46 13.01 1.82
N ALA A 29 -17.50 12.23 2.12
CA ALA A 29 -17.39 10.77 2.15
C ALA A 29 -17.27 10.19 0.72
N CYS A 30 -17.61 10.98 -0.30
CA CYS A 30 -17.53 10.51 -1.68
CA CYS A 30 -17.53 10.51 -1.68
CA CYS A 30 -17.53 10.49 -1.68
C CYS A 30 -16.10 10.57 -2.23
N GLU A 31 -15.61 9.44 -2.72
CA GLU A 31 -14.25 9.39 -3.26
C GLU A 31 -14.23 8.90 -4.70
N GLN A 32 -13.27 9.38 -5.45
CA GLN A 32 -13.14 9.07 -6.87
C GLN A 32 -11.95 8.18 -7.08
N VAL A 33 -12.09 7.18 -7.95
CA VAL A 33 -11.00 6.27 -8.27
C VAL A 33 -10.61 6.47 -9.72
N SER A 34 -9.30 6.48 -9.98
N SER A 34 -9.30 6.49 -10.00
CA SER A 34 -8.80 6.49 -11.34
CA SER A 34 -8.81 6.49 -11.37
C SER A 34 -7.86 5.30 -11.56
C SER A 34 -7.86 5.33 -11.57
N TRP A 35 -8.08 4.56 -12.64
CA TRP A 35 -7.25 3.38 -12.93
C TRP A 35 -6.21 3.61 -14.03
N PHE A 36 -5.06 2.94 -13.93
CA PHE A 36 -4.15 2.83 -15.07
C PHE A 36 -4.98 2.24 -16.23
N PRO A 37 -4.68 2.65 -17.46
CA PRO A 37 -5.39 1.95 -18.54
C PRO A 37 -4.95 0.49 -18.62
N GLU A 38 -5.78 -0.41 -19.16
CA GLU A 38 -5.40 -1.82 -19.23
C GLU A 38 -4.12 -1.94 -20.04
N CYS A 39 -3.21 -2.78 -19.57
CA CYS A 39 -1.93 -3.02 -20.22
C CYS A 39 -2.23 -3.69 -21.55
N THR A 40 -1.51 -3.30 -22.60
CA THR A 40 -1.78 -3.88 -23.91
C THR A 40 -0.59 -4.67 -24.43
N THR A 41 0.41 -4.90 -23.58
CA THR A 41 1.58 -5.69 -23.98
C THR A 41 1.71 -7.03 -23.26
N GLU A 42 2.51 -7.92 -23.84
CA GLU A 42 2.82 -9.24 -23.30
C GLU A 42 3.49 -9.12 -21.94
N ILE A 43 3.30 -10.12 -21.10
CA ILE A 43 4.05 -10.19 -19.87
C ILE A 43 5.53 -10.44 -20.23
N PRO A 44 6.47 -9.69 -19.63
CA PRO A 44 7.89 -9.90 -19.92
C PRO A 44 8.37 -11.31 -19.54
N ASP A 45 9.21 -11.90 -20.38
CA ASP A 45 9.81 -13.20 -20.03
C ASP A 45 11.26 -13.01 -19.55
N THR A 46 11.85 -14.07 -19.01
CA THR A 46 13.25 -14.08 -18.54
C THR A 46 14.26 -13.42 -19.50
N GLN A 47 14.09 -13.68 -20.80
CA GLN A 47 15.00 -13.17 -21.80
C GLN A 47 14.85 -11.67 -21.93
N GLU A 48 13.61 -11.21 -22.02
CA GLU A 48 13.30 -9.80 -22.05
C GLU A 48 13.89 -9.04 -20.84
N MET A 49 13.90 -9.67 -19.67
CA MET A 49 14.34 -9.03 -18.43
C MET A 49 15.85 -9.19 -18.11
N SER A 50 16.60 -9.87 -18.98
CA SER A 50 17.96 -10.32 -18.62
C SER A 50 18.93 -9.17 -18.34
N ASP A 51 18.66 -8.02 -18.94
CA ASP A 51 19.46 -6.84 -18.76
C ASP A 51 18.75 -5.76 -17.91
N TRP A 52 17.58 -6.08 -17.34
CA TRP A 52 16.78 -5.07 -16.62
C TRP A 52 17.29 -4.65 -15.23
N MET A 53 17.96 -5.53 -14.51
CA MET A 53 18.40 -5.19 -13.16
C MET A 53 19.69 -4.37 -13.18
N VAL A 54 19.63 -3.08 -12.81
CA VAL A 54 20.82 -2.25 -12.83
C VAL A 54 21.34 -1.96 -11.43
N VAL A 55 22.59 -2.33 -11.17
CA VAL A 55 23.29 -2.01 -9.93
C VAL A 55 24.18 -0.76 -10.11
N GLY A 56 24.17 0.16 -9.15
CA GLY A 56 25.03 1.33 -9.22
C GLY A 56 25.39 1.75 -7.78
N LYS A 57 25.98 2.92 -7.59
CA LYS A 57 26.26 3.40 -6.25
C LYS A 57 24.95 3.64 -5.50
N ARG A 58 24.96 3.36 -4.20
CA ARG A 58 23.84 3.64 -3.32
C ARG A 58 23.54 5.14 -3.34
N LYS A 59 22.28 5.50 -3.59
CA LYS A 59 21.90 6.90 -3.76
C LYS A 59 20.98 7.39 -2.65
N MET A 60 21.56 8.01 -1.65
CA MET A 60 20.77 8.53 -0.53
C MET A 60 20.40 9.99 -0.80
N ILE A 61 19.77 10.22 -1.96
CA ILE A 61 19.44 11.56 -2.43
C ILE A 61 18.08 11.45 -3.07
N ILE A 62 17.14 12.31 -2.65
CA ILE A 62 15.79 12.23 -3.18
C ILE A 62 15.41 13.48 -3.98
N GLU A 63 16.10 14.58 -3.73
CA GLU A 63 15.71 15.89 -4.28
C GLU A 63 15.78 15.99 -5.81
N ASP A 64 16.55 15.12 -6.45
CA ASP A 64 16.63 15.19 -7.92
C ASP A 64 15.80 14.13 -8.63
N GLU A 65 14.91 13.47 -7.90
CA GLU A 65 14.14 12.38 -8.49
C GLU A 65 12.90 12.88 -9.23
N THR A 66 13.12 13.46 -10.40
CA THR A 66 12.05 14.11 -11.12
C THR A 66 11.63 13.37 -12.40
N GLU A 67 12.02 12.12 -12.56
CA GLU A 67 11.62 11.40 -13.78
C GLU A 67 10.10 11.25 -13.89
N PHE A 68 9.40 11.21 -12.75
CA PHE A 68 7.94 11.10 -12.81
C PHE A 68 7.21 12.13 -11.96
N CYS A 69 7.78 13.34 -11.88
CA CYS A 69 7.17 14.43 -11.13
C CYS A 69 7.93 15.73 -11.36
N GLY A 70 7.22 16.83 -11.59
CA GLY A 70 7.88 18.11 -11.78
C GLY A 70 8.76 18.56 -10.60
N GLU A 71 9.84 19.25 -10.93
CA GLU A 71 10.80 19.67 -9.94
C GLU A 71 10.21 20.56 -8.85
N GLU A 72 9.32 21.47 -9.23
CA GLU A 72 8.79 22.42 -8.27
C GLU A 72 7.89 21.74 -7.25
N LEU A 73 7.10 20.78 -7.71
CA LEU A 73 6.27 20.00 -6.79
C LEU A 73 7.12 19.17 -5.85
N LEU A 74 8.10 18.47 -6.39
CA LEU A 74 8.98 17.66 -5.54
C LEU A 74 9.68 18.52 -4.48
N HIS A 75 10.25 19.63 -4.90
CA HIS A 75 10.99 20.48 -3.98
C HIS A 75 10.09 21.13 -2.94
N SER A 76 8.87 21.44 -3.34
CA SER A 76 7.89 22.01 -2.42
CA SER A 76 7.93 22.02 -2.39
C SER A 76 7.47 20.99 -1.36
N VAL A 77 7.16 19.76 -1.79
CA VAL A 77 6.75 18.77 -0.78
C VAL A 77 7.90 18.48 0.22
N LEU A 78 9.13 18.39 -0.28
CA LEU A 78 10.27 18.17 0.62
C LEU A 78 10.40 19.31 1.65
N GLN A 79 10.30 20.55 1.16
CA GLN A 79 10.42 21.73 2.01
C GLN A 79 9.27 21.83 3.04
N CYS A 80 8.05 21.45 2.64
CA CYS A 80 6.93 21.43 3.58
C CYS A 80 7.08 20.38 4.67
N LYS A 81 7.62 19.20 4.34
CA LYS A 81 8.01 18.26 5.40
C LYS A 81 9.12 18.84 6.31
N SER A 82 10.18 19.39 5.71
CA SER A 82 11.35 19.79 6.50
C SER A 82 11.06 20.97 7.46
N VAL A 83 10.00 21.72 7.18
CA VAL A 83 9.53 22.76 8.11
C VAL A 83 9.39 22.21 9.54
N PHE A 84 9.00 20.94 9.64
CA PHE A 84 8.76 20.28 10.93
C PHE A 84 10.00 19.78 11.69
N ASP A 85 11.17 19.86 11.06
CA ASP A 85 12.41 19.39 11.72
C ASP A 85 12.62 20.03 13.11
N VAL A 86 12.23 21.29 13.26
CA VAL A 86 12.45 21.99 14.53
C VAL A 86 11.28 21.87 15.53
N LEU A 87 10.23 21.17 15.16
CA LEU A 87 9.07 21.14 16.02
C LEU A 87 8.94 19.84 16.81
N ASP A 88 8.54 19.97 18.08
CA ASP A 88 8.24 18.85 18.95
C ASP A 88 7.13 18.02 18.31
N GLY A 89 7.34 16.71 18.26
CA GLY A 89 6.38 15.78 17.69
C GLY A 89 4.95 15.89 18.19
N GLU A 90 4.74 15.99 19.51
CA GLU A 90 3.37 16.00 20.02
C GLU A 90 2.64 17.26 19.57
N GLU A 91 3.35 18.39 19.54
CA GLU A 91 2.71 19.65 19.14
C GLU A 91 2.22 19.52 17.69
N MET A 92 3.03 18.90 16.83
CA MET A 92 2.62 18.72 15.44
CA MET A 92 2.63 18.70 15.44
C MET A 92 1.39 17.80 15.33
N ARG A 93 1.40 16.70 16.07
CA ARG A 93 0.29 15.74 16.05
C ARG A 93 -1.02 16.31 16.57
N ARG A 94 -0.92 17.17 17.60
CA ARG A 94 -2.11 17.81 18.16
C ARG A 94 -2.80 18.67 17.07
N ALA A 95 -1.99 19.41 16.31
CA ALA A 95 -2.48 20.21 15.20
C ALA A 95 -3.02 19.33 14.06
N ARG A 96 -2.34 18.22 13.82
CA ARG A 96 -2.74 17.26 12.78
C ARG A 96 -4.13 16.75 13.05
N THR A 97 -4.38 16.45 14.33
CA THR A 97 -5.66 15.95 14.77
C THR A 97 -6.79 16.93 14.45
N ARG A 98 -6.51 18.22 14.61
CA ARG A 98 -7.52 19.28 14.38
C ARG A 98 -7.72 19.52 12.89
N ALA A 99 -6.63 19.42 12.13
CA ALA A 99 -6.61 19.77 10.70
C ALA A 99 -7.19 18.71 9.78
N ASN A 100 -7.18 17.46 10.22
CA ASN A 100 -7.66 16.38 9.35
C ASN A 100 -9.18 16.25 9.38
N PRO A 101 -9.86 16.58 8.26
CA PRO A 101 -11.33 16.49 8.29
C PRO A 101 -11.84 15.10 8.67
N TYR A 102 -11.05 14.07 8.34
CA TYR A 102 -11.49 12.67 8.51
C TYR A 102 -10.98 12.03 9.79
N GLU A 103 -10.32 12.84 10.62
CA GLU A 103 -9.63 12.32 11.81
C GLU A 103 -10.53 11.48 12.76
N MET A 104 -11.77 11.92 12.99
CA MET A 104 -12.59 11.30 14.02
C MET A 104 -13.06 9.87 13.74
N ILE A 105 -12.92 9.40 12.51
CA ILE A 105 -13.26 8.00 12.21
C ILE A 105 -12.48 7.04 13.13
N ARG A 106 -11.20 7.33 13.30
CA ARG A 106 -10.31 6.49 14.08
C ARG A 106 -10.45 5.00 13.68
N GLY A 107 -10.63 4.12 14.66
CA GLY A 107 -10.76 2.70 14.36
C GLY A 107 -12.15 2.17 14.63
N VAL A 108 -13.06 3.03 15.08
CA VAL A 108 -14.40 2.63 15.56
C VAL A 108 -14.32 1.50 16.58
N PHE A 109 -14.85 0.32 16.27
CA PHE A 109 -14.79 -0.80 17.17
C PHE A 109 -13.63 -1.76 16.88
N PHE A 110 -12.78 -1.42 15.90
CA PHE A 110 -11.68 -2.29 15.55
C PHE A 110 -10.47 -2.03 16.40
N LEU A 111 -9.47 -2.90 16.30
CA LEU A 111 -8.32 -2.78 17.16
C LEU A 111 -7.43 -1.56 16.85
N ASN A 112 -7.45 -1.05 15.64
CA ASN A 112 -6.68 0.17 15.33
C ASN A 112 -7.31 0.96 14.19
N ARG A 113 -6.80 2.15 13.89
CA ARG A 113 -7.34 2.92 12.77
C ARG A 113 -6.98 2.29 11.42
N ALA A 114 -5.90 1.49 11.39
CA ALA A 114 -5.51 0.84 10.13
C ALA A 114 -6.65 -0.03 9.61
N ALA A 115 -7.38 -0.66 10.53
CA ALA A 115 -8.48 -1.54 10.17
C ALA A 115 -9.52 -0.79 9.30
N MET A 116 -9.76 0.47 9.61
CA MET A 116 -10.74 1.25 8.86
C MET A 116 -10.25 1.65 7.47
N LYS A 117 -8.94 1.57 7.22
CA LYS A 117 -8.43 1.79 5.84
C LYS A 117 -8.92 0.68 4.92
N MET A 118 -8.96 -0.55 5.44
CA MET A 118 -9.47 -1.67 4.65
C MET A 118 -10.99 -1.61 4.60
N ALA A 119 -11.65 -1.18 5.68
CA ALA A 119 -13.12 -1.03 5.61
C ALA A 119 -13.50 -0.05 4.50
N ASN A 120 -12.84 1.10 4.51
CA ASN A 120 -12.93 2.15 3.47
C ASN A 120 -12.66 1.55 2.07
N MET A 121 -11.53 0.88 1.89
CA MET A 121 -11.15 0.51 0.52
C MET A 121 -11.94 -0.69 -0.01
N ASP A 122 -12.38 -1.58 0.89
CA ASP A 122 -13.24 -2.69 0.46
C ASP A 122 -14.56 -2.12 -0.07
N PHE A 123 -15.06 -1.05 0.54
CA PHE A 123 -16.24 -0.39 -0.05
C PHE A 123 -15.93 0.27 -1.41
N VAL A 124 -14.84 1.04 -1.45
CA VAL A 124 -14.55 1.80 -2.65
C VAL A 124 -14.35 0.89 -3.87
N PHE A 125 -13.75 -0.27 -3.64
CA PHE A 125 -13.45 -1.19 -4.75
C PHE A 125 -14.48 -2.30 -4.87
N ASP A 126 -15.71 -1.95 -4.56
CA ASP A 126 -16.88 -2.80 -4.84
C ASP A 126 -16.80 -4.18 -4.21
N ARG A 127 -16.35 -4.22 -2.96
CA ARG A 127 -16.20 -5.47 -2.21
C ARG A 127 -15.37 -6.50 -2.96
N MET A 128 -14.38 -6.06 -3.74
CA MET A 128 -13.65 -7.05 -4.53
C MET A 128 -12.83 -7.97 -3.64
N PHE A 129 -12.50 -7.51 -2.44
CA PHE A 129 -11.74 -8.32 -1.45
C PHE A 129 -12.60 -9.30 -0.67
N THR A 130 -13.63 -8.80 -0.01
CA THR A 130 -14.54 -9.71 0.73
C THR A 130 -15.57 -10.50 -0.10
N ASN A 131 -15.81 -10.07 -1.34
CA ASN A 131 -16.69 -10.80 -2.27
C ASN A 131 -16.03 -10.89 -3.66
N PRO A 132 -14.90 -11.62 -3.76
CA PRO A 132 -14.15 -11.63 -5.02
C PRO A 132 -14.96 -12.31 -6.15
N ARG A 133 -14.81 -11.82 -7.38
CA ARG A 133 -15.55 -12.36 -8.53
C ARG A 133 -14.61 -12.88 -9.60
N ASP A 134 -15.10 -13.75 -10.50
CA ASP A 134 -14.31 -14.11 -11.68
C ASP A 134 -14.24 -12.96 -12.70
N SER A 135 -13.48 -13.10 -13.77
CA SER A 135 -13.36 -11.99 -14.73
CA SER A 135 -13.35 -12.02 -14.76
C SER A 135 -14.70 -11.57 -15.32
N TYR A 136 -15.69 -12.46 -15.25
CA TYR A 136 -17.00 -12.17 -15.85
C TYR A 136 -18.00 -11.63 -14.85
N GLY A 137 -17.55 -11.41 -13.62
CA GLY A 137 -18.39 -10.75 -12.63
C GLY A 137 -19.15 -11.66 -11.70
N LYS A 138 -18.95 -12.98 -11.82
CA LYS A 138 -19.69 -13.90 -10.97
C LYS A 138 -18.94 -14.17 -9.66
N PRO A 139 -19.64 -14.01 -8.51
CA PRO A 139 -18.95 -14.23 -7.22
C PRO A 139 -18.34 -15.64 -7.15
N LEU A 140 -17.13 -15.73 -6.61
CA LEU A 140 -16.38 -16.98 -6.49
C LEU A 140 -16.77 -17.77 -5.23
N VAL A 141 -17.13 -17.08 -4.16
CA VAL A 141 -17.39 -17.76 -2.89
C VAL A 141 -18.89 -17.74 -2.50
N LYS A 142 -19.44 -18.93 -2.28
CA LYS A 142 -20.85 -19.05 -2.00
C LYS A 142 -21.05 -19.37 -0.52
N ASP A 143 -21.44 -18.37 0.26
CA ASP A 143 -21.48 -18.59 1.70
C ASP A 143 -22.56 -19.64 2.08
N ARG A 144 -23.69 -19.60 1.39
CA ARG A 144 -24.75 -20.59 1.60
C ARG A 144 -24.23 -22.04 1.46
N GLU A 145 -23.21 -22.25 0.63
CA GLU A 145 -22.63 -23.58 0.46
C GLU A 145 -21.43 -23.81 1.39
N ALA A 146 -21.21 -22.86 2.29
CA ALA A 146 -20.10 -22.95 3.22
C ALA A 146 -18.73 -22.92 2.50
N GLU A 147 -18.65 -22.24 1.37
CA GLU A 147 -17.35 -22.05 0.71
C GLU A 147 -16.49 -21.03 1.44
N LEU A 148 -15.17 -21.22 1.38
CA LEU A 148 -14.21 -20.41 2.15
C LEU A 148 -13.58 -19.34 1.28
N LEU A 149 -13.48 -18.15 1.85
CA LEU A 149 -12.76 -17.07 1.24
C LEU A 149 -11.34 -17.24 1.81
N TYR A 150 -10.35 -17.37 0.94
CA TYR A 150 -8.98 -17.51 1.41
C TYR A 150 -8.20 -16.22 1.21
N PHE A 151 -7.59 -15.70 2.27
CA PHE A 151 -6.83 -14.46 2.13
C PHE A 151 -5.51 -14.52 2.84
N ALA A 152 -4.61 -13.60 2.49
CA ALA A 152 -3.34 -13.48 3.21
C ALA A 152 -3.08 -12.02 3.58
N ASP A 153 -2.28 -11.81 4.63
CA ASP A 153 -1.99 -10.46 5.18
C ASP A 153 -0.52 -10.46 5.63
N VAL A 154 0.33 -9.66 4.99
CA VAL A 154 1.75 -9.63 5.31
C VAL A 154 2.18 -8.21 5.73
N CYS A 155 3.20 -8.12 6.57
CA CYS A 155 3.66 -6.84 7.10
C CYS A 155 2.45 -6.19 7.77
N ALA A 156 1.92 -6.90 8.76
CA ALA A 156 0.52 -6.90 9.06
C ALA A 156 0.17 -6.79 10.55
N GLY A 157 1.16 -6.93 11.42
CA GLY A 157 0.88 -6.85 12.86
C GLY A 157 0.54 -5.41 13.21
N PRO A 158 -0.36 -5.19 14.17
CA PRO A 158 -1.08 -6.13 15.04
C PRO A 158 -2.24 -6.88 14.38
N GLY A 159 -2.70 -6.46 13.19
CA GLY A 159 -3.68 -7.24 12.47
C GLY A 159 -5.03 -6.63 12.13
N GLY A 160 -5.13 -5.31 12.17
CA GLY A 160 -6.38 -4.64 11.81
C GLY A 160 -6.98 -4.99 10.46
N PHE A 161 -6.16 -5.10 9.43
CA PHE A 161 -6.68 -5.39 8.10
C PHE A 161 -7.40 -6.73 8.17
N SER A 162 -6.80 -7.68 8.87
CA SER A 162 -7.38 -9.02 8.98
C SER A 162 -8.60 -9.04 9.86
N GLU A 163 -8.55 -8.26 10.94
CA GLU A 163 -9.71 -8.15 11.81
C GLU A 163 -10.90 -7.68 10.98
N TYR A 164 -10.68 -6.68 10.15
CA TYR A 164 -11.77 -6.19 9.31
C TYR A 164 -12.36 -7.31 8.45
N VAL A 165 -11.49 -8.06 7.76
CA VAL A 165 -11.93 -9.07 6.80
C VAL A 165 -12.78 -10.12 7.52
N LEU A 166 -12.27 -10.57 8.66
CA LEU A 166 -12.95 -11.58 9.48
C LEU A 166 -14.29 -11.08 10.06
N TRP A 167 -14.31 -9.83 10.50
CA TRP A 167 -15.56 -9.22 10.96
C TRP A 167 -16.60 -9.10 9.83
N ARG A 168 -16.18 -8.63 8.66
CA ARG A 168 -17.14 -8.51 7.56
C ARG A 168 -17.69 -9.89 7.18
N LYS A 169 -16.83 -10.88 7.07
CA LYS A 169 -17.29 -12.21 6.67
C LYS A 169 -18.09 -12.95 7.76
N LYS A 170 -17.75 -12.72 9.02
CA LYS A 170 -18.37 -13.35 10.21
C LYS A 170 -17.94 -14.83 10.41
N TRP A 171 -17.88 -15.57 9.31
CA TRP A 171 -17.42 -16.96 9.30
C TRP A 171 -16.97 -17.32 7.89
N HIS A 172 -16.41 -18.51 7.72
CA HIS A 172 -16.05 -19.05 6.40
C HIS A 172 -14.96 -18.23 5.70
N ALA A 173 -14.11 -17.56 6.48
CA ALA A 173 -12.95 -16.84 5.95
C ALA A 173 -11.68 -17.35 6.61
N LYS A 174 -10.78 -17.87 5.80
CA LYS A 174 -9.53 -18.44 6.30
C LYS A 174 -8.35 -17.56 5.91
N GLY A 175 -7.64 -17.03 6.90
CA GLY A 175 -6.51 -16.15 6.62
C GLY A 175 -5.14 -16.72 7.00
N PHE A 176 -4.10 -16.31 6.27
CA PHE A 176 -2.71 -16.64 6.60
C PHE A 176 -1.94 -15.34 6.72
N GLY A 177 -1.15 -15.17 7.78
CA GLY A 177 -0.39 -13.94 7.97
C GLY A 177 1.10 -14.16 8.15
N MET A 178 1.89 -13.13 7.83
CA MET A 178 3.31 -13.13 8.20
C MET A 178 3.78 -11.72 8.53
N THR A 179 4.31 -11.55 9.73
CA THR A 179 4.78 -10.25 10.20
C THR A 179 5.95 -10.47 11.20
N LEU A 180 6.82 -9.48 11.36
CA LEU A 180 7.93 -9.59 12.31
C LEU A 180 7.48 -9.87 13.73
N LYS A 181 8.29 -10.60 14.49
CA LYS A 181 8.03 -10.81 15.91
C LYS A 181 8.32 -9.52 16.65
N GLY A 182 7.95 -9.48 17.91
CA GLY A 182 8.24 -8.31 18.70
C GLY A 182 7.03 -7.51 19.08
N PRO A 183 7.24 -6.23 19.37
CA PRO A 183 6.19 -5.32 19.85
C PRO A 183 5.03 -5.16 18.87
N ASN A 184 5.30 -5.31 17.57
CA ASN A 184 4.28 -5.12 16.55
C ASN A 184 3.77 -6.41 15.95
N ASP A 185 3.94 -7.51 16.69
CA ASP A 185 3.48 -8.82 16.25
C ASP A 185 1.94 -8.81 16.24
N PHE A 186 1.35 -9.82 15.61
CA PHE A 186 -0.11 -9.98 15.67
C PHE A 186 -0.60 -10.03 17.11
N LYS A 187 -1.77 -9.43 17.34
CA LYS A 187 -2.48 -9.48 18.61
C LYS A 187 -3.85 -10.08 18.37
N LEU A 188 -3.88 -11.37 18.07
CA LEU A 188 -5.14 -12.03 17.74
C LEU A 188 -6.19 -11.92 18.84
N GLU A 189 -5.73 -11.77 20.08
CA GLU A 189 -6.63 -11.65 21.23
C GLU A 189 -7.45 -10.38 21.17
N ASP A 190 -6.96 -9.39 20.43
CA ASP A 190 -7.62 -8.09 20.38
C ASP A 190 -8.64 -7.98 19.25
N PHE A 191 -8.78 -9.05 18.47
CA PHE A 191 -9.72 -9.06 17.35
C PHE A 191 -11.18 -9.01 17.84
N TYR A 192 -11.99 -8.14 17.24
CA TYR A 192 -13.40 -7.97 17.64
C TYR A 192 -14.16 -9.27 17.45
N SER A 193 -13.94 -9.89 16.29
CA SER A 193 -14.47 -11.22 15.99
C SER A 193 -13.35 -12.25 15.85
N PHE A 199 -7.44 -18.03 11.74
CA PHE A 199 -6.34 -17.19 11.24
C PHE A 199 -5.00 -17.76 11.69
N GLU A 200 -4.08 -17.94 10.74
CA GLU A 200 -2.81 -18.62 11.01
C GLU A 200 -1.63 -17.73 10.74
N PRO A 201 -1.06 -17.15 11.80
CA PRO A 201 0.21 -16.46 11.61
C PRO A 201 1.32 -17.48 11.35
N TYR A 202 2.29 -17.09 10.54
CA TYR A 202 3.36 -18.00 10.13
C TYR A 202 4.66 -17.19 10.15
N TYR A 203 5.76 -17.77 10.62
CA TYR A 203 6.98 -16.96 10.79
C TYR A 203 8.15 -17.37 9.91
N GLY A 204 7.95 -18.41 9.11
CA GLY A 204 8.93 -18.81 8.13
C GLY A 204 9.65 -20.11 8.39
N GLU A 205 9.20 -20.91 9.38
CA GLU A 205 9.88 -22.20 9.68
C GLU A 205 8.97 -23.38 10.07
N GLY A 206 7.66 -23.16 10.04
CA GLY A 206 6.72 -24.17 10.49
C GLY A 206 6.19 -23.79 11.86
N GLY A 207 4.88 -23.94 12.05
CA GLY A 207 4.24 -23.57 13.31
C GLY A 207 4.49 -22.13 13.72
N ILE A 208 5.03 -21.93 14.92
CA ILE A 208 5.30 -20.60 15.46
C ILE A 208 6.78 -20.20 15.26
N ASP A 209 7.56 -21.05 14.61
CA ASP A 209 9.00 -20.79 14.50
C ASP A 209 9.38 -19.90 13.32
N GLY A 210 10.43 -19.09 13.53
CA GLY A 210 10.93 -18.12 12.56
C GLY A 210 10.89 -16.66 13.03
N ASP A 211 11.43 -15.74 12.23
CA ASP A 211 11.43 -14.33 12.62
C ASP A 211 10.38 -13.47 11.88
N GLY A 212 9.68 -14.10 10.94
CA GLY A 212 8.60 -13.44 10.20
C GLY A 212 9.07 -12.37 9.21
N ASP A 213 10.37 -12.33 8.91
CA ASP A 213 10.96 -11.29 8.05
C ASP A 213 10.72 -11.57 6.55
N ILE A 214 9.91 -10.75 5.91
CA ILE A 214 9.52 -11.01 4.52
C ILE A 214 10.66 -10.74 3.54
N THR A 215 11.77 -10.20 4.03
CA THR A 215 12.87 -9.89 3.12
C THR A 215 13.89 -11.02 2.99
N ARG A 216 13.80 -12.04 3.85
CA ARG A 216 14.67 -13.20 3.73
C ARG A 216 14.11 -14.24 2.76
N PRO A 217 14.90 -14.62 1.75
CA PRO A 217 14.37 -15.53 0.72
C PRO A 217 13.77 -16.82 1.27
N GLU A 218 14.41 -17.42 2.25
CA GLU A 218 13.88 -18.65 2.84
C GLU A 218 12.49 -18.45 3.48
N ASN A 219 12.27 -17.29 4.11
CA ASN A 219 10.95 -16.98 4.66
C ASN A 219 9.90 -16.83 3.56
N ILE A 220 10.29 -16.19 2.46
CA ILE A 220 9.37 -16.00 1.34
C ILE A 220 8.92 -17.37 0.84
N SER A 221 9.89 -18.24 0.58
CA SER A 221 9.61 -19.57 0.03
C SER A 221 8.78 -20.41 0.97
N ALA A 222 9.15 -20.39 2.24
CA ALA A 222 8.41 -21.13 3.27
C ALA A 222 6.94 -20.66 3.39
N PHE A 223 6.72 -19.33 3.41
CA PHE A 223 5.35 -18.83 3.51
C PHE A 223 4.61 -19.22 2.25
N ARG A 224 5.28 -19.10 1.11
CA ARG A 224 4.66 -19.47 -0.15
C ARG A 224 4.15 -20.92 -0.13
N ASN A 225 5.01 -21.84 0.29
CA ASN A 225 4.60 -23.24 0.36
C ASN A 225 3.50 -23.49 1.39
N PHE A 226 3.57 -22.80 2.52
CA PHE A 226 2.56 -22.89 3.56
C PHE A 226 1.15 -22.54 3.02
N VAL A 227 1.06 -21.41 2.32
CA VAL A 227 -0.19 -20.94 1.75
C VAL A 227 -0.66 -21.85 0.61
N LEU A 228 0.24 -22.23 -0.28
CA LEU A 228 -0.16 -23.13 -1.36
C LEU A 228 -0.65 -24.47 -0.79
N ASP A 229 0.06 -25.02 0.19
CA ASP A 229 -0.30 -26.31 0.77
C ASP A 229 -1.66 -26.26 1.46
N ASN A 230 -2.09 -25.06 1.81
CA ASN A 230 -3.38 -24.91 2.49
C ASN A 230 -4.47 -24.32 1.60
N THR A 231 -4.21 -24.15 0.31
CA THR A 231 -5.22 -23.65 -0.62
C THR A 231 -5.30 -24.50 -1.88
N ASP A 232 -5.09 -25.80 -1.70
CA ASP A 232 -5.17 -26.77 -2.79
C ASP A 232 -4.15 -26.42 -3.86
N ARG A 233 -3.01 -25.86 -3.43
CA ARG A 233 -1.96 -25.40 -4.34
C ARG A 233 -2.43 -24.28 -5.28
N LYS A 234 -3.56 -23.64 -4.99
CA LYS A 234 -4.01 -22.55 -5.87
C LYS A 234 -3.53 -21.15 -5.40
N GLY A 235 -3.47 -20.93 -4.09
CA GLY A 235 -3.17 -19.61 -3.56
C GLY A 235 -4.41 -18.92 -3.07
N VAL A 236 -4.23 -17.70 -2.51
CA VAL A 236 -5.31 -16.97 -1.86
C VAL A 236 -6.16 -16.18 -2.86
N HIS A 237 -7.41 -15.91 -2.49
CA HIS A 237 -8.28 -15.07 -3.30
C HIS A 237 -7.68 -13.67 -3.43
N PHE A 238 -7.09 -13.19 -2.34
CA PHE A 238 -6.38 -11.92 -2.37
C PHE A 238 -5.30 -11.84 -1.27
N LEU A 239 -4.33 -10.96 -1.49
CA LEU A 239 -3.30 -10.61 -0.50
C LEU A 239 -3.36 -9.12 -0.12
N MET A 240 -3.32 -8.80 1.17
CA MET A 240 -3.14 -7.44 1.68
C MET A 240 -1.72 -7.30 2.24
N ALA A 241 -1.09 -6.14 2.02
CA ALA A 241 0.27 -5.87 2.48
C ALA A 241 0.31 -4.42 2.96
N ASP A 242 0.88 -4.17 4.12
CA ASP A 242 0.80 -2.82 4.73
C ASP A 242 2.14 -2.41 5.38
N GLY A 243 3.23 -2.77 4.72
CA GLY A 243 4.57 -2.63 5.29
C GLY A 243 5.03 -1.20 5.55
N GLY A 244 5.60 -0.98 6.74
CA GLY A 244 6.34 0.23 7.05
C GLY A 244 7.14 0.06 8.34
N PHE A 245 7.96 1.05 8.67
CA PHE A 245 8.70 1.08 9.92
C PHE A 245 9.12 2.52 10.18
N SER A 246 9.60 2.78 11.38
CA SER A 246 9.92 4.15 11.78
C SER A 246 11.04 4.74 10.93
N VAL A 247 10.84 5.96 10.41
CA VAL A 247 11.93 6.70 9.74
C VAL A 247 12.26 8.02 10.45
N GLU A 248 12.10 8.02 11.78
CA GLU A 248 12.29 9.24 12.58
C GLU A 248 13.66 9.83 12.34
N GLY A 249 13.70 11.14 12.10
CA GLY A 249 14.98 11.80 11.85
C GLY A 249 15.51 11.69 10.43
N GLN A 250 14.86 10.89 9.60
CA GLN A 250 15.23 10.81 8.17
C GLN A 250 14.00 10.67 7.30
N GLU A 251 12.95 11.41 7.65
CA GLU A 251 11.64 11.20 7.01
C GLU A 251 11.62 11.41 5.48
N ASN A 252 12.40 12.35 4.96
CA ASN A 252 12.32 12.63 3.54
C ASN A 252 12.83 11.46 2.67
N LEU A 253 13.63 10.56 3.28
CA LEU A 253 14.22 9.39 2.61
C LEU A 253 13.38 8.10 2.67
N GLN A 254 12.19 8.22 3.25
CA GLN A 254 11.27 7.08 3.45
C GLN A 254 11.13 6.11 2.26
N GLU A 255 10.89 6.67 1.07
CA GLU A 255 10.72 5.83 -0.11
C GLU A 255 11.97 5.00 -0.33
N ILE A 256 13.13 5.65 -0.28
CA ILE A 256 14.40 4.94 -0.53
C ILE A 256 14.70 3.91 0.55
N LEU A 257 14.45 4.29 1.81
CA LEU A 257 14.66 3.39 2.95
C LEU A 257 13.77 2.15 2.92
N SER A 258 12.61 2.25 2.30
CA SER A 258 11.64 1.14 2.30
CA SER A 258 11.62 1.17 2.30
C SER A 258 11.59 0.40 0.97
N LYS A 259 12.60 0.61 0.13
CA LYS A 259 12.61 -0.02 -1.19
C LYS A 259 12.61 -1.56 -1.17
N GLN A 260 13.39 -2.19 -0.30
CA GLN A 260 13.39 -3.66 -0.29
C GLN A 260 12.06 -4.24 0.19
N LEU A 261 11.48 -3.61 1.20
CA LEU A 261 10.19 -4.01 1.71
C LEU A 261 9.12 -3.92 0.61
N LEU A 262 9.12 -2.84 -0.16
CA LEU A 262 8.17 -2.70 -1.27
C LEU A 262 8.34 -3.87 -2.28
N LEU A 263 9.59 -4.12 -2.66
CA LEU A 263 9.87 -5.21 -3.59
C LEU A 263 9.36 -6.55 -3.08
N CYS A 264 9.64 -6.85 -1.83
CA CYS A 264 9.28 -8.17 -1.33
C CYS A 264 7.77 -8.36 -1.20
N GLN A 265 7.06 -7.29 -0.89
CA GLN A 265 5.60 -7.41 -0.84
C GLN A 265 5.03 -7.66 -2.24
N PHE A 266 5.55 -6.97 -3.24
CA PHE A 266 5.12 -7.18 -4.63
C PHE A 266 5.43 -8.63 -5.05
N LEU A 267 6.64 -9.09 -4.70
CA LEU A 267 7.07 -10.47 -4.93
C LEU A 267 6.14 -11.50 -4.31
N MET A 268 5.71 -11.22 -3.06
CA MET A 268 4.83 -12.11 -2.33
C MET A 268 3.49 -12.23 -3.06
N ALA A 269 3.00 -11.12 -3.61
CA ALA A 269 1.75 -11.16 -4.40
C ALA A 269 1.82 -12.14 -5.62
N LEU A 270 2.87 -12.02 -6.43
CA LEU A 270 3.13 -12.95 -7.55
C LEU A 270 3.39 -14.38 -7.06
N SER A 271 3.71 -14.54 -5.77
CA SER A 271 4.04 -15.85 -5.22
C SER A 271 2.84 -16.61 -4.68
N ILE A 272 1.88 -15.91 -4.06
CA ILE A 272 0.78 -16.61 -3.39
C ILE A 272 -0.66 -16.28 -3.84
N VAL A 273 -0.84 -15.31 -4.71
CA VAL A 273 -2.20 -14.96 -5.13
C VAL A 273 -2.63 -15.89 -6.28
N ARG A 274 -3.84 -16.43 -6.22
CA ARG A 274 -4.27 -17.36 -7.26
C ARG A 274 -4.59 -16.59 -8.53
N THR A 275 -4.62 -17.29 -9.67
CA THR A 275 -5.01 -16.65 -10.90
C THR A 275 -6.38 -16.00 -10.75
N GLY A 276 -6.50 -14.78 -11.23
CA GLY A 276 -7.74 -14.03 -11.18
C GLY A 276 -7.88 -13.32 -9.84
N GLY A 277 -6.93 -13.52 -8.94
CA GLY A 277 -7.02 -12.94 -7.60
C GLY A 277 -6.45 -11.51 -7.48
N HIS A 278 -6.56 -10.90 -6.28
CA HIS A 278 -6.26 -9.48 -6.13
C HIS A 278 -5.14 -9.21 -5.11
N PHE A 279 -4.62 -8.00 -5.12
CA PHE A 279 -3.51 -7.60 -4.27
C PHE A 279 -3.66 -6.11 -3.95
N ILE A 280 -3.53 -5.75 -2.67
CA ILE A 280 -3.52 -4.34 -2.25
C ILE A 280 -2.34 -4.14 -1.32
N CYS A 281 -1.55 -3.10 -1.58
CA CYS A 281 -0.30 -2.91 -0.84
C CYS A 281 -0.05 -1.43 -0.57
N LYS A 282 0.36 -1.09 0.66
CA LYS A 282 0.78 0.26 0.95
C LYS A 282 2.11 0.64 0.25
N THR A 283 2.18 1.84 -0.32
CA THR A 283 3.46 2.42 -0.74
C THR A 283 3.58 3.78 -0.06
N PHE A 284 4.78 4.35 -0.13
CA PHE A 284 4.95 5.75 0.21
C PHE A 284 5.12 6.57 -1.09
N ASP A 285 6.10 7.47 -1.15
CA ASP A 285 6.35 8.22 -2.39
C ASP A 285 6.75 7.22 -3.49
N LEU A 286 6.40 7.55 -4.72
CA LEU A 286 6.79 6.73 -5.87
C LEU A 286 7.53 7.62 -6.88
N PHE A 287 8.52 8.38 -6.41
CA PHE A 287 9.33 9.24 -7.28
C PHE A 287 10.48 8.53 -7.98
N THR A 288 11.06 7.51 -7.35
CA THR A 288 12.28 6.89 -7.89
C THR A 288 11.98 5.89 -9.03
N PRO A 289 12.94 5.71 -9.95
CA PRO A 289 12.75 4.74 -11.04
C PRO A 289 12.58 3.34 -10.48
N PHE A 290 13.23 3.05 -9.35
CA PHE A 290 13.09 1.73 -8.73
C PHE A 290 11.59 1.49 -8.43
N SER A 291 10.96 2.43 -7.74
CA SER A 291 9.56 2.28 -7.33
C SER A 291 8.64 2.19 -8.54
N VAL A 292 8.81 3.09 -9.50
CA VAL A 292 7.91 3.10 -10.65
C VAL A 292 8.08 1.82 -11.51
N GLY A 293 9.31 1.32 -11.57
CA GLY A 293 9.56 0.08 -12.32
C GLY A 293 8.85 -1.10 -11.65
N LEU A 294 8.85 -1.13 -10.33
CA LEU A 294 8.06 -2.15 -9.62
C LEU A 294 6.56 -2.06 -9.92
N VAL A 295 6.01 -0.85 -9.88
CA VAL A 295 4.62 -0.62 -10.18
C VAL A 295 4.32 -1.04 -11.64
N TYR A 296 5.24 -0.69 -12.56
CA TYR A 296 5.18 -1.16 -13.93
C TYR A 296 5.06 -2.68 -14.05
N LEU A 297 5.79 -3.43 -13.23
CA LEU A 297 5.70 -4.87 -13.24
C LEU A 297 4.31 -5.40 -12.82
N LEU A 298 3.73 -4.82 -11.75
CA LEU A 298 2.37 -5.15 -11.34
C LEU A 298 1.36 -4.90 -12.47
N TYR A 299 1.54 -3.77 -13.13
CA TYR A 299 0.66 -3.35 -14.20
C TYR A 299 0.75 -4.34 -15.38
N CYS A 300 1.92 -4.92 -15.61
CA CYS A 300 2.03 -5.99 -16.64
C CYS A 300 1.40 -7.28 -16.16
N CYS A 301 1.37 -7.49 -14.86
CA CYS A 301 0.95 -8.78 -14.31
C CYS A 301 -0.52 -8.94 -13.92
N PHE A 302 -1.24 -7.82 -13.88
CA PHE A 302 -2.64 -7.86 -13.45
C PHE A 302 -3.54 -7.27 -14.51
N GLU A 303 -4.81 -7.65 -14.47
CA GLU A 303 -5.73 -7.12 -15.47
C GLU A 303 -5.90 -5.58 -15.35
N ARG A 304 -5.93 -5.09 -14.11
CA ARG A 304 -6.11 -3.65 -13.96
C ARG A 304 -5.46 -3.17 -12.67
N VAL A 305 -4.80 -2.02 -12.72
CA VAL A 305 -4.09 -1.52 -11.55
C VAL A 305 -4.44 -0.06 -11.31
N CYS A 306 -4.46 0.35 -10.03
CA CYS A 306 -4.81 1.71 -9.65
CA CYS A 306 -4.66 1.76 -9.74
C CYS A 306 -3.89 2.19 -8.51
N LEU A 307 -3.65 3.50 -8.39
CA LEU A 307 -3.00 4.07 -7.21
C LEU A 307 -4.05 4.94 -6.54
N PHE A 308 -4.24 4.74 -5.23
CA PHE A 308 -5.39 5.31 -4.53
C PHE A 308 -5.00 5.65 -3.09
N LYS A 309 -5.30 6.88 -2.67
CA LYS A 309 -5.14 7.23 -1.25
C LYS A 309 -6.51 7.44 -0.63
N PRO A 310 -6.89 6.55 0.28
CA PRO A 310 -8.21 6.61 0.90
C PRO A 310 -8.25 7.76 1.92
N ILE A 311 -9.45 8.26 2.22
CA ILE A 311 -9.53 9.42 3.10
C ILE A 311 -9.20 9.04 4.55
N THR A 312 -9.23 7.74 4.84
CA THR A 312 -8.68 7.21 6.10
C THR A 312 -7.15 7.14 6.18
N SER A 313 -6.45 7.52 5.11
CA SER A 313 -5.01 7.68 5.14
C SER A 313 -4.78 9.17 5.35
N ARG A 314 -4.05 9.55 6.41
CA ARG A 314 -3.93 10.99 6.76
C ARG A 314 -3.36 11.84 5.61
N PRO A 315 -3.93 13.03 5.40
CA PRO A 315 -3.70 13.79 4.16
C PRO A 315 -2.30 14.38 4.03
N ALA A 316 -1.58 14.60 5.12
CA ALA A 316 -0.25 15.19 5.00
C ALA A 316 0.91 14.22 4.73
N ASN A 317 0.66 12.90 4.77
CA ASN A 317 1.76 11.95 4.58
C ASN A 317 1.86 11.41 3.13
N SER A 318 2.90 10.61 2.88
CA SER A 318 3.23 10.13 1.52
C SER A 318 2.56 8.78 1.26
N GLU A 319 1.80 8.30 2.23
CA GLU A 319 1.12 7.02 2.06
C GLU A 319 0.09 7.02 0.93
N ARG A 320 0.10 5.94 0.14
CA ARG A 320 -1.00 5.63 -0.77
C ARG A 320 -1.05 4.10 -0.91
N TYR A 321 -2.04 3.59 -1.66
CA TYR A 321 -2.16 2.13 -1.88
C TYR A 321 -2.16 1.83 -3.38
N VAL A 322 -1.47 0.76 -3.78
CA VAL A 322 -1.58 0.24 -5.12
C VAL A 322 -2.54 -0.95 -5.06
N VAL A 323 -3.56 -0.92 -5.93
CA VAL A 323 -4.65 -1.89 -5.88
C VAL A 323 -4.65 -2.58 -7.23
N CYS A 324 -4.51 -3.91 -7.19
CA CYS A 324 -4.30 -4.71 -8.39
C CYS A 324 -5.39 -5.73 -8.50
N LYS A 325 -6.10 -5.71 -9.63
CA LYS A 325 -7.28 -6.56 -9.83
C LYS A 325 -7.01 -7.61 -10.92
N GLY A 326 -7.17 -8.90 -10.59
CA GLY A 326 -7.18 -9.94 -11.59
C GLY A 326 -5.80 -10.35 -12.08
N LEU A 327 -5.12 -11.18 -11.31
CA LEU A 327 -3.77 -11.61 -11.64
C LEU A 327 -3.79 -12.46 -12.90
N LYS A 328 -2.87 -12.22 -13.82
CA LYS A 328 -2.87 -12.97 -15.09
C LYS A 328 -2.20 -14.33 -14.96
N VAL A 329 -2.47 -15.24 -15.91
CA VAL A 329 -1.68 -16.46 -16.10
CA VAL A 329 -1.64 -16.45 -16.02
C VAL A 329 -0.29 -16.06 -16.59
N GLY A 330 0.70 -16.91 -16.34
CA GLY A 330 2.01 -16.74 -16.97
C GLY A 330 2.90 -15.64 -16.41
N ILE A 331 2.85 -15.47 -15.09
CA ILE A 331 3.63 -14.43 -14.43
C ILE A 331 4.87 -15.01 -13.75
N ASP A 332 5.17 -16.29 -13.97
CA ASP A 332 6.28 -16.94 -13.27
C ASP A 332 7.64 -16.29 -13.53
N ASP A 333 7.88 -15.82 -14.75
CA ASP A 333 9.20 -15.26 -15.06
C ASP A 333 9.43 -13.96 -14.25
N VAL A 334 8.40 -13.12 -14.18
CA VAL A 334 8.44 -11.89 -13.34
C VAL A 334 8.60 -12.25 -11.85
N ARG A 335 7.93 -13.29 -11.39
CA ARG A 335 8.12 -13.72 -10.02
C ARG A 335 9.58 -14.08 -9.75
N ASP A 336 10.16 -14.93 -10.60
CA ASP A 336 11.49 -15.43 -10.34
C ASP A 336 12.49 -14.29 -10.48
N TYR A 337 12.20 -13.36 -11.38
CA TYR A 337 13.06 -12.18 -11.53
C TYR A 337 13.13 -11.37 -10.22
N LEU A 338 11.98 -11.05 -9.64
CA LEU A 338 11.96 -10.30 -8.37
C LEU A 338 12.59 -11.10 -7.24
N PHE A 339 12.45 -12.44 -7.27
CA PHE A 339 13.07 -13.26 -6.23
C PHE A 339 14.60 -13.08 -6.29
N ALA A 340 15.12 -13.03 -7.51
CA ALA A 340 16.55 -12.85 -7.75
C ALA A 340 17.03 -11.44 -7.39
N VAL A 341 16.25 -10.42 -7.75
CA VAL A 341 16.59 -9.05 -7.37
C VAL A 341 16.66 -8.93 -5.84
N ASN A 342 15.70 -9.53 -5.12
CA ASN A 342 15.76 -9.48 -3.65
C ASN A 342 17.05 -10.10 -3.07
N ILE A 343 17.45 -11.25 -3.60
CA ILE A 343 18.71 -11.88 -3.20
C ILE A 343 19.88 -10.90 -3.39
N LYS A 344 19.93 -10.24 -4.54
CA LYS A 344 20.96 -9.24 -4.78
C LYS A 344 20.90 -8.07 -3.79
N LEU A 345 19.69 -7.61 -3.47
CA LEU A 345 19.55 -6.50 -2.55
C LEU A 345 20.14 -6.91 -1.21
N ASN A 346 19.91 -8.15 -0.83
CA ASN A 346 20.44 -8.65 0.43
C ASN A 346 21.97 -8.71 0.36
N GLN A 347 22.51 -9.12 -0.79
CA GLN A 347 23.96 -9.19 -0.96
C GLN A 347 24.61 -7.84 -0.82
N LEU A 348 23.88 -6.80 -1.24
CA LEU A 348 24.46 -5.46 -1.33
C LEU A 348 24.26 -4.62 -0.07
N ARG A 349 23.52 -5.14 0.90
CA ARG A 349 23.31 -4.41 2.15
C ARG A 349 24.64 -4.03 2.80
N ASN A 350 24.68 -2.87 3.44
CA ASN A 350 25.92 -2.37 4.02
C ASN A 350 27.12 -2.32 3.06
N THR A 351 26.87 -2.19 1.76
CA THR A 351 27.96 -1.89 0.83
C THR A 351 27.66 -0.55 0.20
N ASP A 352 28.54 -0.06 -0.65
CA ASP A 352 28.35 1.24 -1.28
CA ASP A 352 28.30 1.26 -1.24
C ASP A 352 27.49 1.15 -2.55
N SER A 353 26.98 -0.04 -2.84
CA SER A 353 26.17 -0.25 -4.04
C SER A 353 24.76 -0.69 -3.71
N ASP A 354 23.87 -0.60 -4.69
CA ASP A 354 22.46 -0.97 -4.53
C ASP A 354 21.85 -1.26 -5.90
N VAL A 355 20.74 -1.99 -5.93
CA VAL A 355 19.96 -2.08 -7.13
C VAL A 355 19.09 -0.84 -7.27
N ASN A 356 19.35 -0.05 -8.31
CA ASN A 356 18.65 1.23 -8.56
C ASN A 356 17.60 1.25 -9.69
N LEU A 357 17.65 0.26 -10.57
CA LEU A 357 16.59 0.09 -11.58
C LEU A 357 16.21 -1.38 -11.67
N VAL A 358 14.92 -1.64 -11.88
CA VAL A 358 14.42 -2.99 -12.15
C VAL A 358 13.69 -3.13 -13.50
N VAL A 359 13.34 -1.99 -14.11
CA VAL A 359 12.88 -1.91 -15.51
C VAL A 359 13.55 -0.67 -16.14
N PRO A 360 14.01 -0.75 -17.40
CA PRO A 360 14.68 0.45 -17.95
C PRO A 360 13.74 1.65 -18.04
N LEU A 361 14.26 2.84 -17.75
CA LEU A 361 13.47 4.04 -17.87
C LEU A 361 12.93 4.24 -19.29
N GLU A 362 13.71 3.81 -20.26
CA GLU A 362 13.26 3.98 -21.64
C GLU A 362 12.10 3.01 -21.96
N VAL A 363 12.07 1.85 -21.30
CA VAL A 363 10.91 0.95 -21.41
C VAL A 363 9.65 1.56 -20.76
N ILE A 364 9.80 2.05 -19.54
CA ILE A 364 8.66 2.62 -18.84
C ILE A 364 8.08 3.79 -19.60
N LYS A 365 8.95 4.73 -19.97
CA LYS A 365 8.51 5.96 -20.63
C LYS A 365 8.13 5.71 -22.09
N GLY A 366 8.51 4.54 -22.60
CA GLY A 366 8.02 4.05 -23.91
C GLY A 366 6.56 3.69 -23.87
N ASP A 367 6.01 3.50 -22.66
CA ASP A 367 4.58 3.29 -22.50
C ASP A 367 4.02 4.62 -22.08
N HIS A 368 3.56 5.41 -23.05
CA HIS A 368 3.10 6.76 -22.79
CA HIS A 368 3.06 6.77 -22.85
C HIS A 368 1.81 6.83 -21.98
N GLU A 369 0.90 5.88 -22.17
CA GLU A 369 -0.30 5.81 -21.34
C GLU A 369 0.06 5.53 -19.86
N PHE A 370 0.94 4.56 -19.60
CA PHE A 370 1.35 4.25 -18.23
C PHE A 370 2.00 5.47 -17.59
N THR A 371 2.95 6.04 -18.32
CA THR A 371 3.76 7.12 -17.81
C THR A 371 2.90 8.33 -17.51
N ASP A 372 1.91 8.60 -18.37
CA ASP A 372 1.01 9.74 -18.16
C ASP A 372 0.23 9.60 -16.87
N TYR A 373 -0.26 8.38 -16.60
CA TYR A 373 -1.03 8.13 -15.41
C TYR A 373 -0.10 8.31 -14.23
N MET A 374 1.09 7.70 -14.33
CA MET A 374 2.06 7.76 -13.25
C MET A 374 2.38 9.21 -12.85
N ILE A 375 2.76 10.04 -13.81
CA ILE A 375 3.04 11.45 -13.53
C ILE A 375 1.84 12.19 -12.95
N ARG A 376 0.67 11.95 -13.52
CA ARG A 376 -0.52 12.65 -13.04
C ARG A 376 -0.85 12.25 -11.60
N SER A 377 -0.70 10.96 -11.29
CA SER A 377 -0.87 10.46 -9.92
C SER A 377 0.11 11.09 -8.94
N ASN A 378 1.40 11.04 -9.28
CA ASN A 378 2.41 11.63 -8.39
C ASN A 378 2.15 13.10 -8.14
N GLU A 379 1.81 13.82 -9.21
CA GLU A 379 1.67 15.27 -9.10
C GLU A 379 0.43 15.68 -8.35
N SER A 380 -0.68 14.98 -8.57
CA SER A 380 -1.89 15.30 -7.83
C SER A 380 -1.74 14.99 -6.34
N HIS A 381 -1.11 13.85 -5.99
CA HIS A 381 -0.84 13.50 -4.58
CA HIS A 381 -0.87 13.51 -4.60
C HIS A 381 0.06 14.54 -3.93
N CYS A 382 1.11 14.95 -4.65
CA CYS A 382 2.01 15.99 -4.15
CA CYS A 382 2.01 16.01 -4.17
C CYS A 382 1.25 17.29 -3.88
N SER A 383 0.44 17.72 -4.84
CA SER A 383 -0.32 18.96 -4.70
CA SER A 383 -0.29 18.97 -4.67
C SER A 383 -1.17 18.97 -3.42
N LEU A 384 -1.92 17.90 -3.21
CA LEU A 384 -2.74 17.74 -2.01
C LEU A 384 -1.92 17.67 -0.73
N GLN A 385 -0.80 16.96 -0.77
CA GLN A 385 0.04 16.74 0.41
C GLN A 385 0.71 18.02 0.89
N ILE A 386 1.18 18.81 -0.10
CA ILE A 386 1.71 20.16 0.13
C ILE A 386 0.69 21.06 0.89
N LYS A 387 -0.55 21.07 0.41
CA LYS A 387 -1.59 21.82 1.07
C LYS A 387 -1.86 21.31 2.48
N ALA A 388 -1.88 19.99 2.63
CA ALA A 388 -2.18 19.39 3.94
C ALA A 388 -1.08 19.68 4.96
N LEU A 389 0.17 19.68 4.47
CA LEU A 389 1.33 20.00 5.31
C LEU A 389 1.34 21.48 5.72
N ALA A 390 1.09 22.37 4.75
CA ALA A 390 0.99 23.80 5.06
C ALA A 390 -0.15 24.09 6.06
N LYS A 391 -1.25 23.37 5.90
CA LYS A 391 -2.38 23.51 6.81
C LYS A 391 -2.03 23.12 8.25
N ILE A 392 -1.35 21.99 8.41
CA ILE A 392 -0.88 21.59 9.76
C ILE A 392 0.01 22.68 10.38
N HIS A 393 0.95 23.20 9.60
CA HIS A 393 1.80 24.29 10.07
C HIS A 393 1.00 25.52 10.54
N ALA A 394 0.01 25.93 9.75
CA ALA A 394 -0.91 27.01 10.14
C ALA A 394 -1.66 26.73 11.47
N PHE A 395 -2.10 25.47 11.62
CA PHE A 395 -2.81 25.05 12.82
C PHE A 395 -1.87 24.96 14.02
N VAL A 396 -0.59 24.71 13.77
CA VAL A 396 0.37 24.76 14.87
C VAL A 396 0.45 26.19 15.39
N GLN A 397 0.57 27.14 14.47
CA GLN A 397 0.76 28.53 14.87
C GLN A 397 -0.51 29.19 15.42
N ASP A 398 -1.67 28.78 14.92
CA ASP A 398 -2.94 29.33 15.40
C ASP A 398 -3.85 28.18 15.89
N THR A 399 -3.95 28.05 17.21
CA THR A 399 -4.72 26.97 17.80
C THR A 399 -6.23 27.21 17.81
N THR A 400 -6.68 28.33 17.25
CA THR A 400 -8.12 28.52 17.13
C THR A 400 -8.72 27.97 15.84
N LEU A 401 -7.90 27.66 14.84
CA LEU A 401 -8.41 27.10 13.58
C LEU A 401 -9.06 25.75 13.80
N SER A 402 -10.06 25.41 13.00
CA SER A 402 -10.76 24.12 13.19
C SER A 402 -11.45 23.56 11.93
N GLU A 403 -11.73 22.25 11.97
CA GLU A 403 -12.57 21.55 11.00
C GLU A 403 -13.88 21.18 11.66
N PRO A 404 -14.91 22.02 11.43
CA PRO A 404 -16.20 21.95 12.13
C PRO A 404 -17.01 20.67 11.85
N ARG A 405 -16.81 20.05 10.70
CA ARG A 405 -17.69 18.93 10.36
C ARG A 405 -17.11 17.53 10.57
N GLN A 406 -16.14 17.39 11.49
CA GLN A 406 -15.47 16.12 11.69
C GLN A 406 -16.46 15.06 12.13
N ALA A 407 -17.35 15.40 13.05
CA ALA A 407 -18.29 14.40 13.57
C ALA A 407 -19.29 13.95 12.50
N GLU A 408 -19.71 14.89 11.67
CA GLU A 408 -20.76 14.62 10.71
C GLU A 408 -20.18 13.81 9.55
N ILE A 409 -18.98 14.20 9.11
CA ILE A 409 -18.23 13.45 8.10
C ILE A 409 -18.01 12.02 8.57
N ARG A 410 -17.55 11.86 9.81
CA ARG A 410 -17.39 10.55 10.40
C ARG A 410 -18.69 9.73 10.29
N LYS A 411 -19.79 10.33 10.73
CA LYS A 411 -21.08 9.63 10.69
C LYS A 411 -21.41 9.18 9.25
N GLU A 412 -21.16 10.06 8.28
CA GLU A 412 -21.50 9.78 6.89
C GLU A 412 -20.61 8.64 6.30
N CYS A 413 -19.33 8.66 6.63
CA CYS A 413 -18.43 7.60 6.15
C CYS A 413 -18.85 6.22 6.68
N LEU A 414 -19.12 6.09 7.98
CA LEU A 414 -19.55 4.81 8.55
C LEU A 414 -20.81 4.27 7.87
N ARG A 415 -21.78 5.17 7.68
CA ARG A 415 -23.01 4.81 7.01
C ARG A 415 -22.74 4.33 5.58
N LEU A 416 -22.00 5.12 4.82
CA LEU A 416 -21.69 4.77 3.45
C LEU A 416 -20.96 3.40 3.38
N TRP A 417 -19.99 3.19 4.28
CA TRP A 417 -19.17 1.98 4.24
C TRP A 417 -19.76 0.76 4.92
N GLY A 418 -20.95 0.91 5.50
CA GLY A 418 -21.61 -0.21 6.15
C GLY A 418 -20.88 -0.65 7.41
N ILE A 419 -20.46 0.33 8.20
CA ILE A 419 -19.76 0.10 9.44
C ILE A 419 -20.62 0.69 10.60
N PRO A 420 -21.20 -0.18 11.44
CA PRO A 420 -22.13 0.27 12.49
C PRO A 420 -21.40 1.09 13.52
N ASP A 421 -22.03 2.12 14.05
CA ASP A 421 -21.38 2.98 15.04
C ASP A 421 -21.50 2.38 16.43
N GLN A 422 -20.61 1.44 16.74
CA GLN A 422 -20.65 0.73 18.02
C GLN A 422 -19.24 0.75 18.61
N ALA A 423 -19.14 0.67 19.94
CA ALA A 423 -17.83 0.66 20.61
C ALA A 423 -17.43 -0.74 21.13
N ARG A 424 -16.15 -0.94 21.43
CA ARG A 424 -15.70 -2.14 22.19
C ARG A 424 -16.23 -2.13 23.63
N VAL A 425 -16.66 -3.28 24.15
CA VAL A 425 -17.11 -3.35 25.54
C VAL A 425 -15.94 -3.51 26.51
#